data_7F4C
#
_entry.id   7F4C
#
_cell.length_a   55.328
_cell.length_b   79.052
_cell.length_c   65.914
_cell.angle_alpha   90.000
_cell.angle_beta   106.510
_cell.angle_gamma   90.000
#
_symmetry.space_group_name_H-M   'P 1 21 1'
#
loop_
_entity.id
_entity.type
_entity.pdbx_description
1 polymer 'Homoserine dehydrogenase'
2 non-polymer 'NADP NICOTINAMIDE-ADENINE-DINUCLEOTIDE PHOSPHATE'
3 non-polymer 1,4-BUTANEDIOL
4 water water
#
_entity_poly.entity_id   1
_entity_poly.type   'polypeptide(L)'
_entity_poly.pdbx_seq_one_letter_code
;MKLLLFGYGNVGKAFRKLLHEKRSPELNDVIIGGIVTRRGIMLQDKEDFTPDLEGDVFKAFEKIKPDIIVDVSSANYNNG
EPSLSLYKEAIKDGVNIITTNKAPLALAFNEIFSLARSKGVKIGFQGTVMSGTPSINLYRVLPGSRVIKIRGILNGTTNF
ILTLMNKGVSFEEALKEAQRRGYAEEDPTLDINGFDAAAKITILANFMIGNSVTIKDVKFEGINRDLPKNEKIKLIAYAD
EKEVWVKPLPISQDDPLYNVDGVENALEITTDIQSILIRGPGAGPVNAAYGALSDLILLKRDCL
;
_entity_poly.pdbx_strand_id   A,B
#
# COMPACT_ATOMS: atom_id res chain seq x y z
N MET A 1 8.82 11.77 22.45
CA MET A 1 7.36 12.03 22.26
C MET A 1 6.50 11.10 23.11
N LYS A 2 5.42 11.66 23.67
CA LYS A 2 4.58 10.95 24.61
C LYS A 2 3.24 10.57 24.00
N LEU A 3 2.87 9.29 24.14
CA LEU A 3 1.54 8.83 23.69
C LEU A 3 0.58 8.72 24.85
N LEU A 4 -0.66 9.14 24.61
CA LEU A 4 -1.78 8.77 25.47
C LEU A 4 -2.52 7.64 24.74
N LEU A 5 -2.60 6.49 25.40
CA LEU A 5 -3.29 5.34 24.84
C LEU A 5 -4.72 5.30 25.36
N PHE A 6 -5.68 5.55 24.48
CA PHE A 6 -7.09 5.59 24.87
C PHE A 6 -7.71 4.23 24.58
N GLY A 7 -7.87 3.42 25.63
CA GLY A 7 -8.32 2.03 25.50
C GLY A 7 -7.21 1.04 25.79
N TYR A 8 -7.57 -0.08 26.42
CA TYR A 8 -6.60 -1.15 26.68
C TYR A 8 -7.25 -2.51 26.68
N GLY A 9 -8.05 -2.77 25.66
CA GLY A 9 -8.55 -4.12 25.40
C GLY A 9 -7.54 -4.84 24.54
N ASN A 10 -8.03 -5.74 23.68
CA ASN A 10 -7.14 -6.58 22.87
C ASN A 10 -6.19 -5.77 21.96
N VAL A 11 -6.74 -4.79 21.24
CA VAL A 11 -5.95 -3.94 20.33
C VAL A 11 -4.90 -3.10 21.08
N GLY A 12 -5.32 -2.42 22.14
CA GLY A 12 -4.40 -1.63 22.99
C GLY A 12 -3.23 -2.41 23.59
N LYS A 13 -3.53 -3.60 24.11
CA LYS A 13 -2.52 -4.50 24.67
C LYS A 13 -1.54 -4.96 23.59
N ALA A 14 -2.07 -5.34 22.42
CA ALA A 14 -1.23 -5.76 21.29
C ALA A 14 -0.36 -4.61 20.78
N PHE A 15 -0.91 -3.40 20.79
CA PHE A 15 -0.18 -2.20 20.40
C PHE A 15 1.00 -1.93 21.34
N ARG A 16 0.73 -1.97 22.63
CA ARG A 16 1.76 -1.80 23.66
C ARG A 16 2.91 -2.79 23.46
N LYS A 17 2.58 -4.06 23.18
CA LYS A 17 3.57 -5.10 22.95
C LYS A 17 4.42 -4.84 21.72
N LEU A 18 3.77 -4.49 20.61
CA LEU A 18 4.46 -4.14 19.35
C LEU A 18 5.41 -2.97 19.48
N LEU A 19 4.97 -1.92 20.19
CA LEU A 19 5.84 -0.78 20.49
C LEU A 19 7.09 -1.20 21.27
N HIS A 20 6.92 -2.14 22.21
CA HIS A 20 8.01 -2.66 23.04
C HIS A 20 8.99 -3.57 22.29
N GLU A 21 8.53 -4.15 21.20
CA GLU A 21 9.38 -4.96 20.31
C GLU A 21 10.45 -4.12 19.58
N LYS A 22 10.31 -2.79 19.67
CA LYS A 22 11.22 -1.77 19.11
C LYS A 22 11.59 -2.05 17.65
N ARG A 23 10.57 -1.99 16.81
CA ARG A 23 10.61 -2.56 15.46
C ARG A 23 11.12 -1.60 14.38
N SER A 24 11.30 -0.34 14.76
CA SER A 24 11.80 0.71 13.88
C SER A 24 12.64 1.70 14.69
N PRO A 25 13.74 2.21 14.09
CA PRO A 25 14.53 3.29 14.70
C PRO A 25 13.77 4.60 14.93
N GLU A 26 12.73 4.84 14.13
CA GLU A 26 11.84 6.00 14.30
C GLU A 26 11.13 6.06 15.65
N LEU A 27 10.99 4.91 16.30
CA LEU A 27 10.21 4.77 17.54
C LEU A 27 11.00 4.92 18.84
N ASN A 28 12.32 5.06 18.74
CA ASN A 28 13.23 5.12 19.91
C ASN A 28 12.90 6.17 20.98
N ASP A 29 12.30 7.29 20.56
CA ASP A 29 11.96 8.40 21.45
C ASP A 29 10.46 8.42 21.83
N VAL A 30 9.75 7.34 21.50
CA VAL A 30 8.32 7.25 21.71
C VAL A 30 8.04 6.48 22.99
N ILE A 31 7.34 7.13 23.92
CA ILE A 31 6.91 6.48 25.17
C ILE A 31 5.40 6.64 25.43
N ILE A 32 4.82 5.68 26.13
CA ILE A 32 3.45 5.79 26.60
C ILE A 32 3.44 6.56 27.93
N GLY A 33 2.87 7.76 27.92
CA GLY A 33 2.70 8.59 29.12
C GLY A 33 1.51 8.19 30.00
N GLY A 34 0.51 7.56 29.40
CA GLY A 34 -0.63 7.08 30.18
C GLY A 34 -1.55 6.22 29.34
N ILE A 35 -2.36 5.42 30.02
CA ILE A 35 -3.32 4.49 29.41
C ILE A 35 -4.65 4.70 30.14
N VAL A 36 -5.73 4.89 29.37
CA VAL A 36 -7.07 5.13 29.91
C VAL A 36 -7.98 3.96 29.54
N THR A 37 -8.74 3.49 30.52
CA THR A 37 -9.82 2.50 30.29
C THR A 37 -11.06 3.07 30.98
N ARG A 38 -12.19 2.37 30.93
CA ARG A 38 -13.36 2.84 31.72
C ARG A 38 -13.19 2.64 33.24
N ARG A 39 -12.07 2.02 33.64
CA ARG A 39 -11.70 1.86 35.04
C ARG A 39 -10.77 2.94 35.57
N GLY A 40 -10.47 3.95 34.74
CA GLY A 40 -9.63 5.07 35.17
C GLY A 40 -8.36 5.27 34.36
N ILE A 41 -7.37 5.89 35.01
CA ILE A 41 -6.14 6.34 34.33
C ILE A 41 -4.89 5.73 34.96
N MET A 42 -4.12 5.01 34.16
CA MET A 42 -2.81 4.50 34.57
C MET A 42 -1.75 5.40 33.96
N LEU A 43 -1.00 6.07 34.83
CA LEU A 43 0.00 7.05 34.38
C LEU A 43 1.37 6.41 34.15
N GLN A 44 1.34 5.19 33.65
CA GLN A 44 2.53 4.34 33.52
C GLN A 44 2.34 3.39 32.34
N ASP A 45 3.47 2.98 31.77
CA ASP A 45 3.48 1.88 30.81
C ASP A 45 3.77 0.56 31.53
N LYS A 46 2.72 -0.25 31.65
CA LYS A 46 2.81 -1.58 32.24
C LYS A 46 1.91 -2.54 31.46
N GLU A 47 2.29 -3.83 31.46
CA GLU A 47 1.56 -4.87 30.73
C GLU A 47 0.11 -5.00 31.21
N ASP A 48 -0.09 -5.02 32.52
CA ASP A 48 -1.42 -5.09 33.12
C ASP A 48 -1.91 -3.71 33.55
N PHE A 49 -3.19 -3.43 33.31
CA PHE A 49 -3.76 -2.14 33.69
C PHE A 49 -4.16 -2.12 35.16
N THR A 50 -3.64 -1.12 35.88
CA THR A 50 -4.07 -0.78 37.23
C THR A 50 -4.23 0.76 37.25
N PRO A 51 -5.43 1.27 37.63
CA PRO A 51 -5.62 2.73 37.63
C PRO A 51 -4.84 3.43 38.74
N ASP A 52 -4.19 4.54 38.39
CA ASP A 52 -3.53 5.42 39.36
C ASP A 52 -4.48 6.52 39.83
N LEU A 53 -5.32 6.98 38.91
CA LEU A 53 -6.31 8.03 39.18
C LEU A 53 -7.64 7.61 38.61
N GLU A 54 -8.71 8.09 39.24
CA GLU A 54 -10.04 8.01 38.64
C GLU A 54 -10.16 9.14 37.63
N GLY A 55 -11.00 8.95 36.63
CA GLY A 55 -11.19 10.00 35.63
C GLY A 55 -11.30 9.47 34.22
N ASP A 56 -11.83 10.33 33.37
CA ASP A 56 -12.11 9.99 31.98
C ASP A 56 -10.96 10.40 31.05
N VAL A 57 -11.19 10.24 29.75
CA VAL A 57 -10.15 10.51 28.76
C VAL A 57 -9.74 12.00 28.74
N PHE A 58 -10.69 12.90 29.01
CA PHE A 58 -10.43 14.34 29.06
C PHE A 58 -9.49 14.69 30.20
N LYS A 59 -9.76 14.15 31.39
CA LYS A 59 -8.86 14.30 32.54
C LYS A 59 -7.47 13.75 32.24
N ALA A 60 -7.42 12.57 31.59
CA ALA A 60 -6.15 11.96 31.17
C ALA A 60 -5.37 12.83 30.17
N PHE A 61 -6.09 13.41 29.21
CA PHE A 61 -5.50 14.37 28.25
C PHE A 61 -4.84 15.55 28.98
N GLU A 62 -5.58 16.13 29.92
CA GLU A 62 -5.10 17.24 30.76
C GLU A 62 -3.88 16.87 31.61
N LYS A 63 -3.92 15.70 32.23
CA LYS A 63 -2.82 15.27 33.12
C LYS A 63 -1.55 14.87 32.37
N ILE A 64 -1.70 14.33 31.16
CA ILE A 64 -0.58 13.74 30.42
C ILE A 64 0.08 14.73 29.45
N LYS A 65 -0.72 15.65 28.92
CA LYS A 65 -0.34 16.54 27.81
C LYS A 65 0.43 15.76 26.71
N PRO A 66 -0.20 14.74 26.10
CA PRO A 66 0.51 13.89 25.14
C PRO A 66 0.84 14.64 23.84
N ASP A 67 1.80 14.12 23.08
CA ASP A 67 2.08 14.63 21.74
C ASP A 67 1.22 13.93 20.69
N ILE A 68 0.81 12.70 21.01
CA ILE A 68 0.00 11.85 20.12
C ILE A 68 -1.01 11.14 21.00
N ILE A 69 -2.26 11.11 20.55
CA ILE A 69 -3.25 10.20 21.12
C ILE A 69 -3.40 9.00 20.20
N VAL A 70 -3.41 7.81 20.80
CA VAL A 70 -3.73 6.58 20.08
C VAL A 70 -5.09 6.11 20.58
N ASP A 71 -6.10 6.19 19.71
CA ASP A 71 -7.46 5.83 20.06
C ASP A 71 -7.75 4.39 19.65
N VAL A 72 -7.77 3.52 20.63
CA VAL A 72 -8.12 2.11 20.45
C VAL A 72 -9.33 1.76 21.34
N SER A 73 -10.20 2.74 21.56
CA SER A 73 -11.37 2.53 22.41
C SER A 73 -12.56 1.97 21.60
N SER A 74 -13.62 1.59 22.31
CA SER A 74 -14.83 1.04 21.70
C SER A 74 -15.57 2.04 20.81
N ALA A 75 -16.11 1.54 19.70
CA ALA A 75 -16.93 2.34 18.79
C ALA A 75 -18.21 2.81 19.47
N ASN A 76 -18.54 4.08 19.27
CA ASN A 76 -19.82 4.63 19.69
C ASN A 76 -20.50 5.32 18.52
N TYR A 77 -21.39 4.59 17.84
CA TYR A 77 -22.04 5.13 16.65
C TYR A 77 -23.26 6.02 16.92
N ASN A 78 -23.67 6.11 18.19
CA ASN A 78 -24.72 7.03 18.60
C ASN A 78 -24.30 8.49 18.34
N ASN A 79 -23.08 8.82 18.73
CA ASN A 79 -22.58 10.20 18.60
C ASN A 79 -21.05 10.36 18.51
N GLY A 80 -20.31 9.25 18.48
CA GLY A 80 -18.85 9.30 18.34
C GLY A 80 -18.08 9.77 19.57
N GLU A 81 -18.78 10.00 20.68
CA GLU A 81 -18.16 10.56 21.91
C GLU A 81 -17.65 9.46 22.86
N PRO A 82 -16.59 9.72 23.66
CA PRO A 82 -15.92 11.03 23.77
C PRO A 82 -14.85 11.32 22.72
N SER A 83 -14.58 10.36 21.83
CA SER A 83 -13.52 10.52 20.81
C SER A 83 -13.64 11.78 19.98
N LEU A 84 -14.86 12.07 19.51
CA LEU A 84 -15.10 13.22 18.63
C LEU A 84 -14.67 14.55 19.24
N SER A 85 -15.14 14.83 20.46
CA SER A 85 -14.73 16.05 21.16
C SER A 85 -13.24 16.01 21.54
N LEU A 86 -12.74 14.82 21.88
CA LEU A 86 -11.31 14.64 22.19
C LEU A 86 -10.39 14.96 21.01
N TYR A 87 -10.76 14.48 19.81
CA TYR A 87 -9.99 14.76 18.59
C TYR A 87 -9.96 16.27 18.32
N LYS A 88 -11.08 16.96 18.51
CA LYS A 88 -11.19 18.40 18.25
C LYS A 88 -10.28 19.21 19.17
N GLU A 89 -10.25 18.82 20.44
CA GLU A 89 -9.39 19.44 21.44
C GLU A 89 -7.92 19.15 21.16
N ALA A 90 -7.60 17.89 20.83
CA ALA A 90 -6.24 17.48 20.48
C ALA A 90 -5.68 18.27 19.29
N ILE A 91 -6.47 18.34 18.22
CA ILE A 91 -6.08 19.03 16.99
C ILE A 91 -5.77 20.51 17.29
N LYS A 92 -6.66 21.16 18.04
CA LYS A 92 -6.50 22.56 18.44
C LYS A 92 -5.26 22.78 19.31
N ASP A 93 -4.85 21.73 20.04
CA ASP A 93 -3.65 21.74 20.88
C ASP A 93 -2.38 21.27 20.13
N GLY A 94 -2.54 21.00 18.83
CA GLY A 94 -1.44 20.52 17.99
C GLY A 94 -1.03 19.09 18.27
N VAL A 95 -1.97 18.28 18.75
CA VAL A 95 -1.72 16.89 19.13
C VAL A 95 -2.18 16.00 17.98
N ASN A 96 -1.26 15.17 17.46
CA ASN A 96 -1.60 14.23 16.39
C ASN A 96 -2.45 13.06 16.90
N ILE A 97 -3.21 12.44 15.99
CA ILE A 97 -4.14 11.38 16.32
C ILE A 97 -3.81 10.15 15.48
N ILE A 98 -3.71 8.99 16.15
CA ILE A 98 -3.74 7.70 15.46
C ILE A 98 -4.92 6.91 16.02
N THR A 99 -5.78 6.39 15.13
CA THR A 99 -7.00 5.73 15.58
C THR A 99 -7.30 4.42 14.85
N THR A 100 -7.85 3.48 15.59
CA THR A 100 -8.47 2.28 15.00
C THR A 100 -9.99 2.31 15.24
N ASN A 101 -10.46 3.41 15.85
CA ASN A 101 -11.86 3.61 16.24
C ASN A 101 -12.58 4.35 15.14
N LYS A 102 -13.51 3.66 14.48
CA LYS A 102 -14.17 4.14 13.26
C LYS A 102 -15.21 5.23 13.48
N ALA A 103 -15.93 5.14 14.61
CA ALA A 103 -17.12 5.95 14.87
C ALA A 103 -16.97 7.47 14.63
N PRO A 104 -15.93 8.13 15.23
CA PRO A 104 -15.87 9.58 14.97
C PRO A 104 -15.70 9.94 13.49
N LEU A 105 -14.96 9.11 12.76
CA LEU A 105 -14.68 9.34 11.33
C LEU A 105 -15.86 8.95 10.44
N ALA A 106 -16.65 7.98 10.87
CA ALA A 106 -17.86 7.59 10.15
C ALA A 106 -19.01 8.59 10.34
N LEU A 107 -18.88 9.45 11.35
CA LEU A 107 -19.92 10.45 11.67
C LEU A 107 -19.53 11.87 11.28
N ALA A 108 -18.25 12.19 11.36
CA ALA A 108 -17.79 13.58 11.22
C ALA A 108 -16.44 13.72 10.51
N PHE A 109 -16.23 12.90 9.48
CA PHE A 109 -14.96 12.90 8.73
C PHE A 109 -14.52 14.30 8.27
N ASN A 110 -15.38 14.99 7.51
CA ASN A 110 -15.01 16.29 6.95
C ASN A 110 -14.64 17.33 8.02
N GLU A 111 -15.45 17.41 9.08
CA GLU A 111 -15.22 18.30 10.22
C GLU A 111 -13.84 18.10 10.86
N ILE A 112 -13.49 16.82 11.10
CA ILE A 112 -12.23 16.43 11.73
C ILE A 112 -11.04 16.73 10.83
N PHE A 113 -11.13 16.28 9.58
CA PHE A 113 -10.04 16.46 8.63
C PHE A 113 -9.84 17.92 8.18
N SER A 114 -10.94 18.68 8.10
CA SER A 114 -10.86 20.13 7.82
C SER A 114 -10.15 20.89 8.92
N LEU A 115 -10.56 20.65 10.17
CA LEU A 115 -9.90 21.20 11.34
C LEU A 115 -8.41 20.82 11.38
N ALA A 116 -8.11 19.54 11.15
CA ALA A 116 -6.73 19.03 11.18
C ALA A 116 -5.83 19.67 10.10
N ARG A 117 -6.32 19.72 8.87
CA ARG A 117 -5.64 20.40 7.76
C ARG A 117 -5.32 21.86 8.09
N SER A 118 -6.29 22.57 8.63
CA SER A 118 -6.14 24.00 9.01
C SER A 118 -5.08 24.24 10.10
N LYS A 119 -4.92 23.27 11.00
CA LYS A 119 -3.92 23.32 12.06
C LYS A 119 -2.60 22.64 11.70
N GLY A 120 -2.57 21.92 10.58
CA GLY A 120 -1.39 21.15 10.17
C GLY A 120 -1.14 19.91 11.03
N VAL A 121 -2.22 19.36 11.58
CA VAL A 121 -2.18 18.17 12.44
C VAL A 121 -2.44 16.92 11.59
N LYS A 122 -1.72 15.84 11.87
CA LYS A 122 -1.81 14.59 11.11
C LYS A 122 -2.67 13.54 11.80
N ILE A 123 -3.45 12.80 11.01
CA ILE A 123 -4.33 11.75 11.52
C ILE A 123 -3.98 10.42 10.86
N GLY A 124 -3.57 9.46 11.69
CA GLY A 124 -3.39 8.08 11.24
C GLY A 124 -4.67 7.32 11.49
N PHE A 125 -5.17 6.60 10.48
CA PHE A 125 -6.44 5.88 10.62
C PHE A 125 -6.51 4.55 9.85
N GLN A 126 -5.33 4.02 9.50
CA GLN A 126 -5.16 2.75 8.81
C GLN A 126 -5.98 1.62 9.47
N GLY A 127 -5.88 1.52 10.79
CA GLY A 127 -6.57 0.48 11.54
C GLY A 127 -8.09 0.51 11.55
N THR A 128 -8.69 1.61 11.06
CA THR A 128 -10.15 1.70 10.93
C THR A 128 -10.70 0.86 9.77
N VAL A 129 -9.82 0.45 8.84
CA VAL A 129 -10.21 -0.28 7.62
C VAL A 129 -9.24 -1.42 7.31
N MET A 130 -9.73 -2.66 7.46
CA MET A 130 -8.94 -3.86 7.20
C MET A 130 -7.69 -3.98 8.07
N SER A 131 -7.80 -3.49 9.31
CA SER A 131 -6.79 -3.65 10.36
C SER A 131 -5.38 -3.27 9.88
N GLY A 132 -4.52 -4.27 9.66
CA GLY A 132 -3.14 -4.01 9.27
C GLY A 132 -2.83 -4.19 7.81
N THR A 133 -3.87 -4.47 7.00
CA THR A 133 -3.71 -4.63 5.56
C THR A 133 -3.85 -3.24 4.92
N PRO A 134 -2.76 -2.72 4.28
CA PRO A 134 -2.82 -1.33 3.77
C PRO A 134 -4.08 -1.04 2.96
N SER A 135 -4.78 0.00 3.38
CA SER A 135 -6.04 0.36 2.76
C SER A 135 -6.02 1.87 2.65
N ILE A 136 -6.19 2.51 3.79
CA ILE A 136 -5.92 3.95 3.95
C ILE A 136 -4.49 4.22 3.49
N ASN A 137 -3.54 3.42 3.98
CA ASN A 137 -2.13 3.62 3.65
C ASN A 137 -1.75 3.15 2.24
N LEU A 138 -2.51 2.20 1.70
CA LEU A 138 -2.40 1.90 0.27
C LEU A 138 -2.71 3.12 -0.61
N TYR A 139 -3.79 3.85 -0.32
CA TYR A 139 -4.13 5.06 -1.07
C TYR A 139 -3.04 6.14 -0.97
N ARG A 140 -2.31 6.18 0.15
CA ARG A 140 -1.19 7.13 0.32
C ARG A 140 -0.08 6.90 -0.71
N VAL A 141 0.08 5.64 -1.18
CA VAL A 141 1.07 5.34 -2.23
C VAL A 141 0.41 5.24 -3.62
N LEU A 142 -0.79 5.82 -3.73
CA LEU A 142 -1.42 6.02 -5.03
C LEU A 142 -1.67 7.51 -5.30
N PRO A 143 -0.62 8.36 -5.19
CA PRO A 143 -0.87 9.79 -5.31
C PRO A 143 -1.13 10.22 -6.76
N GLY A 144 -1.87 11.33 -6.92
CA GLY A 144 -2.20 11.87 -8.24
C GLY A 144 -3.07 10.95 -9.08
N SER A 145 -3.89 10.14 -8.42
CA SER A 145 -4.87 9.29 -9.09
C SER A 145 -6.25 9.43 -8.44
N ARG A 146 -7.26 9.57 -9.29
CA ARG A 146 -8.65 9.76 -8.85
C ARG A 146 -9.34 8.42 -8.66
N VAL A 147 -9.93 8.19 -7.49
CA VAL A 147 -10.66 6.95 -7.21
C VAL A 147 -12.11 7.09 -7.70
N ILE A 148 -12.50 6.17 -8.57
CA ILE A 148 -13.81 6.20 -9.24
C ILE A 148 -14.83 5.33 -8.51
N LYS A 149 -14.42 4.12 -8.14
CA LYS A 149 -15.25 3.22 -7.35
C LYS A 149 -14.44 2.25 -6.52
N ILE A 150 -15.05 1.79 -5.44
CA ILE A 150 -14.44 0.85 -4.50
C ILE A 150 -15.43 -0.26 -4.15
N ARG A 151 -14.95 -1.48 -4.03
CA ARG A 151 -15.81 -2.60 -3.71
C ARG A 151 -15.01 -3.60 -2.89
N GLY A 152 -15.62 -4.12 -1.83
CA GLY A 152 -14.90 -5.10 -1.04
C GLY A 152 -15.68 -5.79 0.05
N ILE A 153 -14.99 -6.71 0.71
CA ILE A 153 -15.48 -7.33 1.92
C ILE A 153 -14.69 -6.66 3.04
N LEU A 154 -15.38 -5.93 3.91
CA LEU A 154 -14.71 -5.00 4.84
C LEU A 154 -14.88 -5.32 6.33
N ASN A 155 -15.59 -6.39 6.63
CA ASN A 155 -15.82 -6.80 8.00
C ASN A 155 -15.34 -8.25 8.18
N GLY A 156 -14.34 -8.44 9.04
CA GLY A 156 -13.74 -9.76 9.27
C GLY A 156 -14.68 -10.73 9.94
N THR A 157 -15.39 -10.23 10.95
CA THR A 157 -16.27 -11.04 11.79
C THR A 157 -17.36 -11.77 10.99
N THR A 158 -18.14 -11.01 10.21
CA THR A 158 -19.20 -11.57 9.37
C THR A 158 -18.67 -12.44 8.24
N ASN A 159 -17.50 -12.09 7.69
CA ASN A 159 -16.88 -12.96 6.68
C ASN A 159 -16.49 -14.32 7.25
N PHE A 160 -15.98 -14.29 8.49
CA PHE A 160 -15.61 -15.48 9.23
C PHE A 160 -16.85 -16.33 9.53
N ILE A 161 -17.95 -15.68 9.89
CA ILE A 161 -19.24 -16.35 10.18
C ILE A 161 -19.88 -16.96 8.92
N LEU A 162 -19.82 -16.23 7.81
CA LEU A 162 -20.31 -16.74 6.51
C LEU A 162 -19.55 -17.99 6.08
N THR A 163 -18.22 -17.91 6.15
CA THR A 163 -17.34 -19.02 5.80
C THR A 163 -17.60 -20.27 6.66
N LEU A 164 -17.66 -20.11 7.98
CA LEU A 164 -17.93 -21.25 8.86
C LEU A 164 -19.29 -21.90 8.63
N MET A 165 -20.28 -21.07 8.32
CA MET A 165 -21.62 -21.56 7.97
C MET A 165 -21.65 -22.33 6.65
N ASN A 166 -20.84 -21.89 5.69
CA ASN A 166 -20.53 -22.68 4.47
C ASN A 166 -19.84 -24.02 4.77
N LYS A 167 -19.13 -24.07 5.89
CA LYS A 167 -18.49 -25.30 6.39
C LYS A 167 -19.38 -26.08 7.36
N GLY A 168 -20.66 -25.71 7.44
CA GLY A 168 -21.65 -26.41 8.26
C GLY A 168 -21.60 -26.17 9.76
N VAL A 169 -21.08 -25.02 10.17
CA VAL A 169 -21.06 -24.60 11.58
C VAL A 169 -22.26 -23.68 11.77
N SER A 170 -22.90 -23.73 12.94
CA SER A 170 -24.01 -22.81 13.27
C SER A 170 -23.51 -21.36 13.38
N PHE A 171 -24.41 -20.42 13.10
CA PHE A 171 -24.19 -18.99 13.30
C PHE A 171 -23.65 -18.70 14.71
N GLU A 172 -24.30 -19.32 15.70
CA GLU A 172 -24.02 -19.10 17.12
C GLU A 172 -22.61 -19.55 17.53
N GLU A 173 -22.18 -20.73 17.06
CA GLU A 173 -20.83 -21.25 17.30
C GLU A 173 -19.76 -20.49 16.50
N ALA A 174 -20.14 -20.00 15.31
CA ALA A 174 -19.24 -19.23 14.46
C ALA A 174 -18.94 -17.86 15.07
N LEU A 175 -19.97 -17.23 15.64
CA LEU A 175 -19.85 -15.96 16.37
C LEU A 175 -18.97 -16.11 17.61
N LYS A 176 -19.23 -17.16 18.41
CA LYS A 176 -18.44 -17.43 19.64
C LYS A 176 -16.96 -17.63 19.34
N GLU A 177 -16.68 -18.30 18.21
CA GLU A 177 -15.30 -18.49 17.75
C GLU A 177 -14.66 -17.16 17.30
N ALA A 178 -15.43 -16.34 16.57
CA ALA A 178 -14.99 -14.99 16.18
C ALA A 178 -14.65 -14.15 17.41
N GLN A 179 -15.52 -14.20 18.43
CA GLN A 179 -15.31 -13.53 19.72
C GLN A 179 -14.11 -14.07 20.49
N ARG A 180 -13.96 -15.40 20.51
CA ARG A 180 -12.78 -16.02 21.16
C ARG A 180 -11.46 -15.56 20.50
N ARG A 181 -11.50 -15.37 19.18
CA ARG A 181 -10.36 -14.89 18.40
C ARG A 181 -10.14 -13.37 18.52
N GLY A 182 -11.08 -12.70 19.17
CA GLY A 182 -11.04 -11.24 19.34
C GLY A 182 -11.34 -10.45 18.08
N TYR A 183 -12.05 -11.07 17.13
CA TYR A 183 -12.40 -10.40 15.87
C TYR A 183 -13.55 -9.41 16.02
N ALA A 184 -14.46 -9.73 16.94
CA ALA A 184 -15.73 -9.02 17.02
C ALA A 184 -15.60 -7.68 17.73
N GLU A 185 -16.50 -6.76 17.39
CA GLU A 185 -16.71 -5.54 18.18
C GLU A 185 -17.26 -5.95 19.54
N GLU A 186 -16.88 -5.20 20.59
CA GLU A 186 -17.44 -5.36 21.93
C GLU A 186 -18.95 -5.58 21.90
N ASP A 187 -19.65 -4.77 21.11
CA ASP A 187 -21.05 -5.00 20.79
C ASP A 187 -21.11 -5.74 19.44
N PRO A 188 -21.23 -7.10 19.46
CA PRO A 188 -21.13 -7.87 18.21
C PRO A 188 -22.25 -7.59 17.19
N THR A 189 -23.34 -6.96 17.63
CA THR A 189 -24.40 -6.53 16.72
C THR A 189 -23.87 -5.51 15.71
N LEU A 190 -22.83 -4.76 16.09
CA LEU A 190 -22.18 -3.84 15.15
C LEU A 190 -21.62 -4.54 13.89
N ASP A 191 -21.05 -5.73 14.08
CA ASP A 191 -20.59 -6.57 12.96
C ASP A 191 -21.78 -7.20 12.26
N ILE A 192 -22.61 -7.89 13.02
CA ILE A 192 -23.74 -8.69 12.50
C ILE A 192 -24.73 -7.86 11.67
N ASN A 193 -25.07 -6.67 12.16
CA ASN A 193 -26.08 -5.82 11.52
C ASN A 193 -25.54 -4.85 10.47
N GLY A 194 -24.24 -4.95 10.20
CA GLY A 194 -23.61 -4.22 9.12
C GLY A 194 -23.07 -2.84 9.45
N PHE A 195 -23.17 -2.43 10.71
CA PHE A 195 -22.72 -1.10 11.15
C PHE A 195 -21.22 -0.88 10.88
N ASP A 196 -20.43 -1.90 11.23
CA ASP A 196 -18.96 -1.84 11.08
C ASP A 196 -18.55 -1.71 9.62
N ALA A 197 -19.11 -2.55 8.75
CA ALA A 197 -18.86 -2.47 7.31
C ALA A 197 -19.30 -1.10 6.74
N ALA A 198 -20.45 -0.60 7.22
CA ALA A 198 -20.98 0.70 6.74
C ALA A 198 -20.08 1.86 7.16
N ALA A 199 -19.51 1.73 8.37
CA ALA A 199 -18.58 2.73 8.89
C ALA A 199 -17.33 2.81 8.03
N LYS A 200 -16.84 1.65 7.61
CA LYS A 200 -15.63 1.52 6.82
C LYS A 200 -15.79 2.07 5.40
N ILE A 201 -16.87 1.67 4.74
CA ILE A 201 -17.17 2.21 3.41
C ILE A 201 -17.41 3.73 3.45
N THR A 202 -17.97 4.25 4.55
CA THR A 202 -18.11 5.70 4.79
C THR A 202 -16.73 6.38 4.80
N ILE A 203 -15.80 5.81 5.56
CA ILE A 203 -14.44 6.34 5.69
C ILE A 203 -13.74 6.35 4.31
N LEU A 204 -13.84 5.25 3.59
CA LEU A 204 -13.22 5.11 2.28
C LEU A 204 -13.80 6.07 1.25
N ALA A 205 -15.12 6.24 1.26
CA ALA A 205 -15.79 7.18 0.35
C ALA A 205 -15.30 8.61 0.59
N ASN A 206 -15.15 8.96 1.88
CA ASN A 206 -14.64 10.27 2.30
C ASN A 206 -13.18 10.51 1.90
N PHE A 207 -12.33 9.55 2.26
CA PHE A 207 -10.90 9.68 2.03
C PHE A 207 -10.48 9.52 0.57
N MET A 208 -11.06 8.54 -0.13
CA MET A 208 -10.61 8.19 -1.47
C MET A 208 -11.43 8.87 -2.58
N ILE A 209 -12.75 8.90 -2.45
CA ILE A 209 -13.60 9.52 -3.47
C ILE A 209 -13.72 11.03 -3.22
N GLY A 210 -13.70 11.44 -1.95
CA GLY A 210 -13.78 12.86 -1.60
C GLY A 210 -15.18 13.40 -1.42
N ASN A 211 -16.16 12.49 -1.29
CA ASN A 211 -17.53 12.86 -0.96
C ASN A 211 -17.75 12.86 0.55
N SER A 212 -18.23 13.99 1.07
CA SER A 212 -18.52 14.13 2.50
C SER A 212 -19.79 13.39 2.93
N VAL A 213 -19.68 12.08 3.07
CA VAL A 213 -20.80 11.25 3.54
C VAL A 213 -20.65 10.85 5.01
N THR A 214 -21.78 10.49 5.62
CA THR A 214 -21.81 9.95 6.97
C THR A 214 -22.43 8.54 6.93
N ILE A 215 -22.30 7.81 8.03
CA ILE A 215 -22.88 6.45 8.16
C ILE A 215 -24.40 6.40 7.91
N LYS A 216 -25.08 7.52 8.18
CA LYS A 216 -26.53 7.66 7.97
C LYS A 216 -26.93 7.68 6.48
N ASP A 217 -25.97 8.01 5.61
CA ASP A 217 -26.16 8.02 4.14
C ASP A 217 -26.01 6.65 3.47
N VAL A 218 -25.45 5.69 4.19
CA VAL A 218 -25.20 4.35 3.66
C VAL A 218 -26.44 3.47 3.84
N LYS A 219 -26.89 2.86 2.74
CA LYS A 219 -27.96 1.85 2.81
C LYS A 219 -27.29 0.53 3.11
N PHE A 220 -27.54 -0.01 4.30
CA PHE A 220 -26.87 -1.25 4.71
C PHE A 220 -27.77 -2.27 5.38
N GLU A 221 -27.43 -3.53 5.17
CA GLU A 221 -27.98 -4.70 5.86
C GLU A 221 -26.80 -5.59 6.29
N GLY A 222 -26.99 -6.35 7.36
CA GLY A 222 -25.98 -7.31 7.78
C GLY A 222 -26.29 -8.75 7.39
N ILE A 223 -25.84 -9.68 8.22
CA ILE A 223 -26.01 -11.12 7.96
C ILE A 223 -26.91 -11.77 9.02
N ASN A 224 -27.38 -12.98 8.72
CA ASN A 224 -28.03 -13.87 9.68
C ASN A 224 -27.92 -15.32 9.24
N ARG A 225 -28.47 -16.24 10.03
CA ARG A 225 -28.47 -17.67 9.69
C ARG A 225 -29.39 -18.03 8.51
N ASP A 226 -30.33 -17.13 8.20
CA ASP A 226 -31.37 -17.38 7.18
C ASP A 226 -30.91 -17.38 5.72
N LEU A 227 -29.75 -16.78 5.45
CA LEU A 227 -29.26 -16.64 4.06
C LEU A 227 -28.77 -17.95 3.45
N LYS A 232 -21.85 -19.25 -2.39
CA LYS A 232 -21.21 -18.29 -1.51
C LYS A 232 -21.93 -16.95 -1.47
N ILE A 233 -22.37 -16.58 -0.27
CA ILE A 233 -22.87 -15.25 0.05
C ILE A 233 -21.71 -14.47 0.69
N LYS A 234 -21.51 -13.23 0.26
CA LYS A 234 -20.51 -12.34 0.89
C LYS A 234 -21.15 -11.00 1.23
N LEU A 235 -20.72 -10.40 2.35
CA LEU A 235 -21.18 -9.07 2.71
C LEU A 235 -20.35 -8.07 1.92
N ILE A 236 -20.99 -7.52 0.90
CA ILE A 236 -20.30 -6.66 -0.05
C ILE A 236 -20.55 -5.19 0.26
N ALA A 237 -19.47 -4.43 0.44
CA ALA A 237 -19.53 -2.98 0.51
C ALA A 237 -19.12 -2.36 -0.82
N TYR A 238 -19.75 -1.23 -1.14
CA TYR A 238 -19.55 -0.58 -2.42
C TYR A 238 -19.74 0.91 -2.30
N ALA A 239 -18.86 1.67 -2.97
CA ALA A 239 -19.04 3.11 -3.10
C ALA A 239 -18.51 3.64 -4.44
N ASP A 240 -19.23 4.61 -4.99
CA ASP A 240 -18.74 5.39 -6.13
C ASP A 240 -19.11 6.85 -5.90
N GLU A 241 -19.09 7.66 -6.95
CA GLU A 241 -19.39 9.09 -6.83
C GLU A 241 -20.87 9.38 -6.46
N LYS A 242 -21.77 8.42 -6.70
CA LYS A 242 -23.21 8.64 -6.50
C LYS A 242 -23.93 7.80 -5.43
N GLU A 243 -23.42 6.59 -5.14
CA GLU A 243 -24.05 5.68 -4.17
C GLU A 243 -23.07 4.96 -3.25
N VAL A 244 -23.50 4.70 -2.02
CA VAL A 244 -22.70 3.97 -1.01
C VAL A 244 -23.62 2.96 -0.32
N TRP A 245 -23.23 1.69 -0.30
CA TRP A 245 -24.05 0.65 0.33
C TRP A 245 -23.25 -0.56 0.78
N VAL A 246 -23.90 -1.35 1.64
CA VAL A 246 -23.43 -2.64 2.11
C VAL A 246 -24.63 -3.61 2.08
N LYS A 247 -24.46 -4.76 1.44
CA LYS A 247 -25.48 -5.83 1.46
C LYS A 247 -24.91 -7.24 1.21
N PRO A 248 -25.53 -8.28 1.80
CA PRO A 248 -25.07 -9.63 1.50
C PRO A 248 -25.53 -10.05 0.10
N LEU A 249 -24.57 -10.44 -0.73
CA LEU A 249 -24.85 -10.80 -2.11
C LEU A 249 -24.31 -12.17 -2.48
N PRO A 250 -25.04 -12.90 -3.37
CA PRO A 250 -24.47 -14.11 -3.96
C PRO A 250 -23.29 -13.74 -4.86
N ILE A 251 -22.18 -14.45 -4.69
CA ILE A 251 -20.95 -14.18 -5.43
C ILE A 251 -20.60 -15.38 -6.33
N SER A 252 -20.33 -15.08 -7.60
CA SER A 252 -19.99 -16.09 -8.60
C SER A 252 -18.53 -16.49 -8.51
N GLN A 253 -18.23 -17.69 -9.00
CA GLN A 253 -16.90 -18.32 -8.92
C GLN A 253 -15.75 -17.50 -9.53
N ASP A 254 -16.06 -16.70 -10.56
CA ASP A 254 -15.03 -15.93 -11.27
C ASP A 254 -14.73 -14.56 -10.62
N ASP A 255 -15.53 -14.19 -9.62
CA ASP A 255 -15.37 -12.92 -8.90
C ASP A 255 -14.09 -12.99 -8.05
N PRO A 256 -13.20 -11.98 -8.16
CA PRO A 256 -12.00 -11.91 -7.29
C PRO A 256 -12.27 -12.08 -5.79
N LEU A 257 -13.49 -11.74 -5.35
CA LEU A 257 -13.89 -11.83 -3.95
C LEU A 257 -14.48 -13.19 -3.54
N TYR A 258 -14.56 -14.13 -4.49
CA TYR A 258 -15.12 -15.46 -4.22
C TYR A 258 -14.34 -16.24 -3.17
N ASN A 259 -13.01 -16.23 -3.30
CA ASN A 259 -12.14 -16.96 -2.37
C ASN A 259 -11.54 -16.11 -1.25
N VAL A 260 -12.13 -14.93 -1.01
CA VAL A 260 -11.80 -14.13 0.16
C VAL A 260 -12.65 -14.68 1.31
N ASP A 261 -12.08 -15.66 2.02
CA ASP A 261 -12.81 -16.45 3.01
C ASP A 261 -12.21 -16.32 4.41
N GLY A 262 -12.98 -16.76 5.42
CA GLY A 262 -12.56 -16.65 6.82
C GLY A 262 -12.52 -15.20 7.24
N VAL A 263 -11.49 -14.82 8.01
CA VAL A 263 -11.37 -13.44 8.51
C VAL A 263 -10.72 -12.50 7.48
N GLU A 264 -10.35 -13.07 6.33
CA GLU A 264 -9.80 -12.28 5.24
C GLU A 264 -10.78 -11.22 4.75
N ASN A 265 -10.21 -10.06 4.44
CA ASN A 265 -10.93 -8.97 3.82
C ASN A 265 -10.21 -8.62 2.52
N ALA A 266 -10.88 -7.85 1.67
CA ALA A 266 -10.33 -7.43 0.40
C ALA A 266 -10.97 -6.14 -0.05
N LEU A 267 -10.20 -5.31 -0.74
CA LEU A 267 -10.69 -4.05 -1.25
C LEU A 267 -10.24 -3.90 -2.69
N GLU A 268 -11.17 -3.70 -3.60
CA GLU A 268 -10.86 -3.36 -4.98
C GLU A 268 -11.03 -1.86 -5.16
N ILE A 269 -9.97 -1.20 -5.60
CA ILE A 269 -9.95 0.24 -5.81
C ILE A 269 -9.80 0.46 -7.31
N THR A 270 -10.79 1.11 -7.91
CA THR A 270 -10.72 1.52 -9.32
C THR A 270 -10.33 2.99 -9.42
N THR A 271 -9.19 3.25 -10.06
CA THR A 271 -8.75 4.61 -10.30
C THR A 271 -8.88 4.97 -11.78
N ASP A 272 -8.52 6.21 -12.10
CA ASP A 272 -8.47 6.70 -13.48
C ASP A 272 -7.35 6.02 -14.29
N ILE A 273 -6.46 5.32 -13.60
CA ILE A 273 -5.32 4.66 -14.20
C ILE A 273 -5.54 3.15 -14.30
N GLN A 274 -6.03 2.56 -13.21
CA GLN A 274 -5.98 1.11 -13.05
C GLN A 274 -6.97 0.64 -11.99
N SER A 275 -7.25 -0.67 -12.00
CA SER A 275 -8.03 -1.30 -10.95
C SER A 275 -7.09 -2.22 -10.18
N ILE A 276 -7.06 -2.06 -8.87
CA ILE A 276 -6.20 -2.90 -8.02
C ILE A 276 -7.04 -3.55 -6.92
N LEU A 277 -6.56 -4.68 -6.42
CA LEU A 277 -7.17 -5.31 -5.24
C LEU A 277 -6.11 -5.62 -4.20
N ILE A 278 -6.41 -5.28 -2.95
CA ILE A 278 -5.57 -5.71 -1.83
C ILE A 278 -6.40 -6.62 -0.92
N ARG A 279 -5.76 -7.67 -0.42
CA ARG A 279 -6.43 -8.59 0.49
C ARG A 279 -5.53 -8.97 1.64
N GLY A 280 -6.14 -9.16 2.80
CA GLY A 280 -5.45 -9.70 3.96
C GLY A 280 -6.38 -9.81 5.14
N PRO A 281 -5.83 -10.15 6.33
CA PRO A 281 -6.66 -10.28 7.54
C PRO A 281 -7.51 -9.02 7.76
N GLY A 282 -8.83 -9.20 7.83
CA GLY A 282 -9.73 -8.07 8.08
C GLY A 282 -9.74 -7.61 9.54
N ALA A 283 -9.57 -8.58 10.43
CA ALA A 283 -9.69 -8.36 11.87
C ALA A 283 -8.62 -9.18 12.57
N GLY A 284 -8.44 -8.93 13.86
CA GLY A 284 -7.39 -9.57 14.64
C GLY A 284 -6.67 -8.47 15.41
N PRO A 285 -6.65 -8.58 16.75
CA PRO A 285 -6.08 -7.52 17.60
C PRO A 285 -4.64 -7.12 17.25
N VAL A 286 -3.79 -8.11 16.96
CA VAL A 286 -2.40 -7.87 16.59
C VAL A 286 -2.32 -7.18 15.21
N ASN A 287 -3.18 -7.61 14.29
CA ASN A 287 -3.27 -7.01 12.96
C ASN A 287 -3.68 -5.52 13.04
N ALA A 288 -4.71 -5.23 13.84
CA ALA A 288 -5.19 -3.86 14.11
C ALA A 288 -4.15 -2.96 14.76
N ALA A 289 -3.49 -3.51 15.79
CA ALA A 289 -2.39 -2.83 16.46
C ALA A 289 -1.22 -2.56 15.50
N TYR A 290 -0.96 -3.50 14.60
CA TYR A 290 0.03 -3.28 13.54
C TYR A 290 -0.33 -2.16 12.57
N GLY A 291 -1.62 -2.06 12.20
CA GLY A 291 -2.14 -0.90 11.49
C GLY A 291 -1.78 0.41 12.19
N ALA A 292 -2.08 0.50 13.49
CA ALA A 292 -1.75 1.70 14.28
C ALA A 292 -0.24 1.98 14.39
N LEU A 293 0.54 0.91 14.56
CA LEU A 293 2.01 1.01 14.59
C LEU A 293 2.59 1.51 13.25
N SER A 294 2.03 1.01 12.14
CA SER A 294 2.41 1.48 10.80
C SER A 294 2.18 2.99 10.66
N ASP A 295 1.00 3.46 11.11
CA ASP A 295 0.68 4.90 11.14
C ASP A 295 1.66 5.68 12.00
N LEU A 296 2.01 5.12 13.16
CA LEU A 296 2.97 5.77 14.06
C LEU A 296 4.35 6.01 13.42
N ILE A 297 4.88 4.98 12.77
CA ILE A 297 6.16 5.05 12.06
C ILE A 297 6.09 6.05 10.89
N LEU A 298 5.02 5.97 10.08
CA LEU A 298 4.78 6.95 9.00
C LEU A 298 4.68 8.38 9.53
N LEU A 299 3.99 8.58 10.66
CA LEU A 299 3.90 9.89 11.29
C LEU A 299 5.29 10.44 11.66
N LYS A 300 6.14 9.58 12.24
CA LYS A 300 7.51 9.92 12.63
C LYS A 300 8.39 10.23 11.43
N ARG A 301 8.14 9.55 10.30
CA ARG A 301 8.80 9.84 9.03
C ARG A 301 8.28 11.10 8.34
N ASP A 302 7.21 11.69 8.91
CA ASP A 302 6.47 12.82 8.33
C ASP A 302 5.80 12.41 7.01
N CYS A 303 5.24 11.20 6.99
CA CYS A 303 4.65 10.65 5.77
C CYS A 303 3.18 10.26 5.92
N LEU A 304 2.49 10.91 6.86
CA LEU A 304 1.02 10.88 6.95
C LEU A 304 0.38 12.14 6.37
N MET B 1 12.74 22.26 -10.05
CA MET B 1 13.66 21.09 -10.18
C MET B 1 13.62 20.47 -11.58
N LYS B 2 14.79 20.04 -12.04
CA LYS B 2 14.96 19.61 -13.44
C LYS B 2 15.13 18.09 -13.53
N LEU B 3 14.34 17.46 -14.40
CA LEU B 3 14.46 16.01 -14.67
C LEU B 3 15.23 15.81 -15.95
N LEU B 4 16.08 14.77 -15.97
CA LEU B 4 16.58 14.20 -17.22
C LEU B 4 15.77 12.94 -17.47
N LEU B 5 15.12 12.89 -18.63
CA LEU B 5 14.32 11.72 -19.00
C LEU B 5 15.13 10.86 -19.95
N PHE B 6 15.52 9.70 -19.44
CA PHE B 6 16.33 8.74 -20.19
C PHE B 6 15.43 7.67 -20.78
N GLY B 7 15.22 7.76 -22.09
CA GLY B 7 14.24 6.94 -22.81
C GLY B 7 13.02 7.76 -23.18
N TYR B 8 12.47 7.48 -24.36
CA TYR B 8 11.23 8.13 -24.83
C TYR B 8 10.46 7.21 -25.76
N GLY B 9 10.30 5.97 -25.33
CA GLY B 9 9.38 5.05 -25.98
C GLY B 9 8.03 5.21 -25.32
N ASN B 10 7.27 4.14 -25.33
CA ASN B 10 5.91 4.12 -24.79
C ASN B 10 5.84 4.61 -23.33
N VAL B 11 6.76 4.14 -22.48
CA VAL B 11 6.74 4.50 -21.05
C VAL B 11 7.12 5.98 -20.86
N GLY B 12 8.22 6.41 -21.49
CA GLY B 12 8.69 7.79 -21.46
C GLY B 12 7.71 8.83 -21.97
N LYS B 13 7.01 8.51 -23.05
CA LYS B 13 5.96 9.38 -23.60
C LYS B 13 4.77 9.46 -22.66
N ALA B 14 4.36 8.32 -22.11
CA ALA B 14 3.27 8.26 -21.14
C ALA B 14 3.59 9.03 -19.87
N PHE B 15 4.84 8.97 -19.43
CA PHE B 15 5.30 9.71 -18.25
C PHE B 15 5.24 11.23 -18.47
N ARG B 16 5.70 11.68 -19.64
CA ARG B 16 5.69 13.09 -20.00
C ARG B 16 4.25 13.64 -20.03
N LYS B 17 3.35 12.86 -20.62
CA LYS B 17 1.90 13.14 -20.65
C LYS B 17 1.28 13.24 -19.25
N LEU B 18 1.61 12.27 -18.37
CA LEU B 18 1.16 12.28 -16.97
C LEU B 18 1.64 13.49 -16.18
N LEU B 19 2.91 13.84 -16.34
CA LEU B 19 3.48 15.04 -15.70
C LEU B 19 2.73 16.32 -16.10
N HIS B 20 2.37 16.43 -17.38
CA HIS B 20 1.70 17.62 -17.91
C HIS B 20 0.18 17.72 -17.59
N GLU B 21 -0.40 16.63 -17.09
CA GLU B 21 -1.80 16.61 -16.62
C GLU B 21 -1.99 17.24 -15.23
N LYS B 22 -0.87 17.64 -14.62
CA LYS B 22 -0.81 18.36 -13.33
C LYS B 22 -1.63 17.69 -12.23
N ARG B 23 -1.23 16.47 -11.87
CA ARG B 23 -2.02 15.57 -11.03
C ARG B 23 -1.82 15.77 -9.53
N SER B 24 -0.81 16.56 -9.18
CA SER B 24 -0.47 16.82 -7.79
C SER B 24 0.21 18.19 -7.66
N PRO B 25 -0.24 19.03 -6.71
CA PRO B 25 0.28 20.38 -6.45
C PRO B 25 1.80 20.45 -6.27
N GLU B 26 2.39 19.38 -5.76
CA GLU B 26 3.85 19.33 -5.51
C GLU B 26 4.70 19.01 -6.74
N LEU B 27 4.05 18.84 -7.90
CA LEU B 27 4.76 18.69 -9.18
C LEU B 27 4.83 19.99 -9.99
N ASN B 28 4.28 21.07 -9.44
CA ASN B 28 4.24 22.37 -10.13
C ASN B 28 5.61 22.97 -10.43
N ASP B 29 6.61 22.62 -9.62
CA ASP B 29 7.98 23.10 -9.77
C ASP B 29 8.87 22.17 -10.61
N VAL B 30 8.28 21.09 -11.13
CA VAL B 30 9.04 20.02 -11.81
C VAL B 30 9.00 20.22 -13.32
N ILE B 31 10.18 20.34 -13.92
CA ILE B 31 10.33 20.48 -15.37
C ILE B 31 11.29 19.44 -15.96
N ILE B 32 11.03 19.05 -17.20
CA ILE B 32 11.93 18.18 -17.96
C ILE B 32 12.96 19.08 -18.67
N GLY B 33 14.21 19.01 -18.21
CA GLY B 33 15.33 19.72 -18.83
C GLY B 33 15.79 19.09 -20.14
N GLY B 34 15.72 17.77 -20.22
CA GLY B 34 16.13 17.08 -21.44
C GLY B 34 15.59 15.67 -21.54
N ILE B 35 15.51 15.19 -22.78
CA ILE B 35 15.06 13.83 -23.11
C ILE B 35 16.14 13.17 -23.99
N VAL B 36 16.55 11.96 -23.64
CA VAL B 36 17.59 11.20 -24.37
C VAL B 36 17.01 9.92 -24.93
N THR B 37 17.27 9.68 -26.21
CA THR B 37 17.03 8.37 -26.85
C THR B 37 18.33 7.91 -27.54
N ARG B 38 18.24 6.75 -28.21
CA ARG B 38 19.32 6.25 -29.08
C ARG B 38 19.67 7.21 -30.21
N ARG B 39 18.73 8.10 -30.53
CA ARG B 39 18.86 9.05 -31.64
C ARG B 39 19.50 10.38 -31.21
N GLY B 40 19.77 10.56 -29.92
CA GLY B 40 20.42 11.76 -29.41
C GLY B 40 19.74 12.45 -28.24
N ILE B 41 20.03 13.74 -28.09
CA ILE B 41 19.61 14.53 -26.93
C ILE B 41 18.73 15.70 -27.38
N MET B 42 17.52 15.75 -26.82
CA MET B 42 16.65 16.93 -26.96
C MET B 42 16.71 17.70 -25.65
N LEU B 43 17.26 18.91 -25.70
CA LEU B 43 17.40 19.75 -24.51
C LEU B 43 16.13 20.55 -24.19
N GLN B 44 14.97 19.95 -24.49
CA GLN B 44 13.67 20.60 -24.33
C GLN B 44 12.62 19.58 -23.92
N ASP B 45 11.54 20.07 -23.31
CA ASP B 45 10.38 19.24 -23.07
C ASP B 45 9.39 19.48 -24.22
N LYS B 46 9.36 18.54 -25.14
CA LYS B 46 8.39 18.55 -26.25
C LYS B 46 7.72 17.19 -26.33
N GLU B 47 6.48 17.20 -26.82
CA GLU B 47 5.70 15.98 -27.07
C GLU B 47 6.43 15.08 -28.07
N ASP B 48 6.96 15.67 -29.14
CA ASP B 48 7.67 14.92 -30.17
C ASP B 48 9.18 15.03 -29.96
N PHE B 49 9.88 13.90 -30.12
CA PHE B 49 11.32 13.89 -30.01
C PHE B 49 12.01 14.33 -31.31
N THR B 50 12.83 15.37 -31.20
CA THR B 50 13.74 15.78 -32.25
C THR B 50 15.06 16.08 -31.54
N PRO B 51 16.16 15.42 -31.97
CA PRO B 51 17.44 15.69 -31.31
C PRO B 51 17.97 17.11 -31.55
N ASP B 52 18.54 17.70 -30.51
CA ASP B 52 19.26 18.97 -30.60
C ASP B 52 20.76 18.73 -30.71
N LEU B 53 21.22 17.65 -30.07
CA LEU B 53 22.62 17.25 -30.08
C LEU B 53 22.74 15.76 -30.33
N GLU B 54 23.83 15.36 -30.99
CA GLU B 54 24.26 13.97 -30.97
C GLU B 54 24.84 13.67 -29.58
N GLY B 55 24.74 12.42 -29.15
CA GLY B 55 25.39 12.04 -27.90
C GLY B 55 24.54 11.18 -27.00
N ASP B 56 25.22 10.58 -26.02
CA ASP B 56 24.64 9.57 -25.17
C ASP B 56 24.11 10.19 -23.87
N VAL B 57 23.61 9.34 -22.98
CA VAL B 57 23.02 9.79 -21.72
C VAL B 57 24.01 10.52 -20.79
N PHE B 58 25.30 10.19 -20.87
CA PHE B 58 26.32 10.87 -20.08
C PHE B 58 26.52 12.31 -20.54
N LYS B 59 26.53 12.51 -21.86
CA LYS B 59 26.58 13.86 -22.43
C LYS B 59 25.38 14.71 -22.00
N ALA B 60 24.19 14.12 -22.04
CA ALA B 60 22.97 14.80 -21.63
C ALA B 60 23.02 15.18 -20.15
N PHE B 61 23.47 14.24 -19.32
CA PHE B 61 23.64 14.45 -17.87
C PHE B 61 24.55 15.64 -17.57
N GLU B 62 25.69 15.71 -18.26
CA GLU B 62 26.66 16.80 -18.07
C GLU B 62 26.12 18.15 -18.54
N LYS B 63 25.37 18.13 -19.66
CA LYS B 63 24.77 19.33 -20.25
C LYS B 63 23.64 19.93 -19.41
N ILE B 64 22.79 19.07 -18.86
CA ILE B 64 21.55 19.49 -18.17
C ILE B 64 21.73 19.76 -16.67
N LYS B 65 22.64 19.01 -16.04
CA LYS B 65 22.81 19.03 -14.58
C LYS B 65 21.46 18.80 -13.87
N PRO B 66 20.82 17.63 -14.09
CA PRO B 66 19.48 17.43 -13.53
C PRO B 66 19.52 17.21 -12.02
N ASP B 67 18.41 17.54 -11.36
CA ASP B 67 18.24 17.19 -9.96
C ASP B 67 17.81 15.73 -9.81
N ILE B 68 17.06 15.24 -10.79
CA ILE B 68 16.56 13.86 -10.80
C ILE B 68 16.73 13.27 -12.19
N ILE B 69 17.15 12.01 -12.27
CA ILE B 69 17.13 11.24 -13.52
C ILE B 69 15.94 10.28 -13.47
N VAL B 70 15.12 10.29 -14.52
CA VAL B 70 14.04 9.31 -14.66
C VAL B 70 14.45 8.36 -15.78
N ASP B 71 14.76 7.12 -15.40
CA ASP B 71 15.24 6.12 -16.33
C ASP B 71 14.09 5.24 -16.77
N VAL B 72 13.71 5.42 -18.04
CA VAL B 72 12.66 4.58 -18.66
C VAL B 72 13.22 3.96 -19.96
N SER B 73 14.52 3.72 -19.99
CA SER B 73 15.17 3.16 -21.16
C SER B 73 15.06 1.62 -21.15
N SER B 74 15.48 1.00 -22.27
CA SER B 74 15.48 -0.46 -22.42
C SER B 74 16.36 -1.17 -21.39
N ALA B 75 15.85 -2.29 -20.89
CA ALA B 75 16.62 -3.18 -20.01
C ALA B 75 17.78 -3.78 -20.79
N ASN B 76 18.97 -3.69 -20.21
CA ASN B 76 20.16 -4.34 -20.76
C ASN B 76 20.68 -5.31 -19.71
N TYR B 77 20.26 -6.57 -19.81
CA TYR B 77 20.64 -7.59 -18.82
C TYR B 77 22.05 -8.15 -18.99
N ASN B 78 22.70 -7.85 -20.11
CA ASN B 78 24.12 -8.18 -20.33
C ASN B 78 25.02 -7.64 -19.22
N ASN B 79 24.89 -6.35 -18.92
CA ASN B 79 25.71 -5.70 -17.89
C ASN B 79 25.05 -4.47 -17.23
N GLY B 80 23.82 -4.14 -17.62
CA GLY B 80 23.06 -3.02 -17.03
C GLY B 80 23.52 -1.61 -17.40
N GLU B 81 24.42 -1.52 -18.37
CA GLU B 81 24.96 -0.23 -18.86
C GLU B 81 24.11 0.32 -20.00
N PRO B 82 24.05 1.65 -20.19
CA PRO B 82 24.78 2.65 -19.39
C PRO B 82 24.14 3.02 -18.03
N SER B 83 22.99 2.43 -17.69
CA SER B 83 22.27 2.86 -16.45
C SER B 83 23.08 2.67 -15.18
N LEU B 84 23.76 1.52 -15.05
CA LEU B 84 24.57 1.23 -13.87
C LEU B 84 25.63 2.30 -13.58
N SER B 85 26.44 2.63 -14.58
CA SER B 85 27.44 3.71 -14.47
C SER B 85 26.82 5.07 -14.24
N LEU B 86 25.69 5.32 -14.91
CA LEU B 86 24.95 6.57 -14.75
C LEU B 86 24.39 6.78 -13.34
N TYR B 87 23.80 5.72 -12.76
CA TYR B 87 23.28 5.82 -11.40
C TYR B 87 24.40 6.13 -10.40
N LYS B 88 25.54 5.44 -10.57
CA LYS B 88 26.73 5.63 -9.72
C LYS B 88 27.24 7.07 -9.76
N GLU B 89 27.32 7.64 -10.97
CA GLU B 89 27.75 9.04 -11.16
C GLU B 89 26.76 10.06 -10.60
N ALA B 90 25.47 9.80 -10.80
CA ALA B 90 24.38 10.63 -10.27
C ALA B 90 24.36 10.62 -8.73
N ILE B 91 24.47 9.43 -8.14
CA ILE B 91 24.48 9.29 -6.67
C ILE B 91 25.66 10.06 -6.05
N LYS B 92 26.85 9.93 -6.64
CA LYS B 92 28.05 10.69 -6.23
C LYS B 92 27.82 12.21 -6.27
N ASP B 93 27.03 12.66 -7.24
CA ASP B 93 26.70 14.07 -7.44
C ASP B 93 25.45 14.53 -6.66
N GLY B 94 24.86 13.62 -5.89
CA GLY B 94 23.65 13.91 -5.14
C GLY B 94 22.43 14.10 -6.02
N VAL B 95 22.32 13.27 -7.05
CA VAL B 95 21.21 13.33 -8.00
C VAL B 95 20.33 12.12 -7.72
N ASN B 96 19.06 12.38 -7.43
CA ASN B 96 18.09 11.31 -7.15
C ASN B 96 17.71 10.55 -8.42
N ILE B 97 17.32 9.28 -8.27
CA ILE B 97 17.04 8.38 -9.39
C ILE B 97 15.62 7.83 -9.24
N ILE B 98 14.87 7.89 -10.32
CA ILE B 98 13.58 7.18 -10.44
C ILE B 98 13.71 6.28 -11.66
N THR B 99 13.40 5.00 -11.48
CA THR B 99 13.61 4.05 -12.57
C THR B 99 12.49 3.03 -12.76
N THR B 100 12.25 2.66 -14.01
CA THR B 100 11.39 1.52 -14.38
C THR B 100 12.24 0.42 -15.06
N ASN B 101 13.55 0.67 -15.14
CA ASN B 101 14.54 -0.20 -15.79
C ASN B 101 15.13 -1.16 -14.78
N LYS B 102 14.71 -2.42 -14.86
CA LYS B 102 15.06 -3.46 -13.87
C LYS B 102 16.52 -3.89 -13.87
N ALA B 103 17.17 -3.78 -15.02
CA ALA B 103 18.45 -4.44 -15.27
C ALA B 103 19.59 -4.05 -14.31
N PRO B 104 19.84 -2.72 -14.11
CA PRO B 104 20.89 -2.36 -13.15
C PRO B 104 20.61 -2.84 -11.71
N LEU B 105 19.33 -2.90 -11.36
CA LEU B 105 18.91 -3.38 -10.03
C LEU B 105 18.93 -4.90 -9.90
N ALA B 106 18.61 -5.60 -10.99
CA ALA B 106 18.69 -7.08 -11.05
C ALA B 106 20.13 -7.60 -11.03
N LEU B 107 21.06 -6.76 -11.46
CA LEU B 107 22.48 -7.12 -11.52
C LEU B 107 23.30 -6.60 -10.35
N ALA B 108 22.94 -5.43 -9.81
CA ALA B 108 23.82 -4.71 -8.87
C ALA B 108 23.11 -3.93 -7.76
N PHE B 109 22.05 -4.50 -7.21
CA PHE B 109 21.19 -3.80 -6.23
C PHE B 109 21.96 -3.29 -5.02
N ASN B 110 22.73 -4.17 -4.37
CA ASN B 110 23.46 -3.81 -3.15
C ASN B 110 24.48 -2.70 -3.39
N GLU B 111 25.25 -2.81 -4.47
CA GLU B 111 26.22 -1.80 -4.86
C GLU B 111 25.57 -0.42 -5.02
N ILE B 112 24.44 -0.37 -5.73
CA ILE B 112 23.71 0.88 -6.00
C ILE B 112 23.11 1.49 -4.72
N PHE B 113 22.36 0.67 -3.99
CA PHE B 113 21.65 1.12 -2.80
C PHE B 113 22.59 1.45 -1.63
N SER B 114 23.69 0.70 -1.49
CA SER B 114 24.77 1.02 -0.51
C SER B 114 25.32 2.41 -0.75
N LEU B 115 25.64 2.69 -2.02
CA LEU B 115 26.15 4.00 -2.43
C LEU B 115 25.15 5.12 -2.14
N ALA B 116 23.88 4.90 -2.54
CA ALA B 116 22.81 5.88 -2.30
C ALA B 116 22.61 6.22 -0.82
N ARG B 117 22.50 5.18 0.01
CA ARG B 117 22.31 5.33 1.46
C ARG B 117 23.45 6.12 2.10
N SER B 118 24.67 5.84 1.66
CA SER B 118 25.87 6.55 2.15
C SER B 118 25.89 8.03 1.74
N LYS B 119 25.19 8.37 0.65
CA LYS B 119 25.17 9.73 0.13
C LYS B 119 23.87 10.51 0.43
N GLY B 120 22.92 9.84 1.08
CA GLY B 120 21.60 10.42 1.37
C GLY B 120 20.74 10.64 0.12
N VAL B 121 21.03 9.87 -0.93
CA VAL B 121 20.34 9.96 -2.22
C VAL B 121 19.17 8.97 -2.20
N LYS B 122 18.06 9.36 -2.80
CA LYS B 122 16.85 8.53 -2.83
C LYS B 122 16.66 7.85 -4.17
N ILE B 123 16.16 6.61 -4.15
CA ILE B 123 15.88 5.87 -5.37
C ILE B 123 14.42 5.41 -5.43
N GLY B 124 13.71 5.86 -6.45
CA GLY B 124 12.35 5.40 -6.71
C GLY B 124 12.45 4.31 -7.74
N PHE B 125 11.83 3.16 -7.48
CA PHE B 125 11.91 2.01 -8.39
C PHE B 125 10.65 1.17 -8.48
N GLN B 126 9.52 1.80 -8.14
CA GLN B 126 8.20 1.16 -8.17
C GLN B 126 7.86 0.53 -9.53
N GLY B 127 8.17 1.25 -10.60
CA GLY B 127 7.85 0.80 -11.95
C GLY B 127 8.62 -0.43 -12.41
N THR B 128 9.64 -0.83 -11.66
CA THR B 128 10.41 -2.03 -11.99
C THR B 128 9.64 -3.33 -11.67
N VAL B 129 8.64 -3.24 -10.79
CA VAL B 129 7.88 -4.42 -10.35
C VAL B 129 6.37 -4.14 -10.37
N MET B 130 5.66 -4.80 -11.28
CA MET B 130 4.20 -4.67 -11.41
C MET B 130 3.75 -3.25 -11.79
N SER B 131 4.59 -2.54 -12.56
CA SER B 131 4.26 -1.23 -13.12
C SER B 131 3.71 -0.25 -12.09
N GLY B 132 2.41 0.04 -12.16
CA GLY B 132 1.75 1.05 -11.32
C GLY B 132 1.06 0.51 -10.10
N THR B 133 1.02 -0.82 -9.96
CA THR B 133 0.42 -1.48 -8.80
C THR B 133 1.45 -1.49 -7.66
N PRO B 134 1.15 -0.79 -6.53
CA PRO B 134 2.10 -0.69 -5.42
C PRO B 134 2.70 -2.03 -5.03
N SER B 135 4.03 -2.10 -5.09
CA SER B 135 4.74 -3.35 -4.79
C SER B 135 5.92 -2.97 -3.93
N ILE B 136 6.95 -2.39 -4.55
CA ILE B 136 7.98 -1.63 -3.85
C ILE B 136 7.33 -0.64 -2.88
N ASN B 137 6.38 0.14 -3.39
CA ASN B 137 5.73 1.18 -2.58
C ASN B 137 4.70 0.67 -1.57
N LEU B 138 4.17 -0.53 -1.80
CA LEU B 138 3.38 -1.21 -0.78
C LEU B 138 4.25 -1.53 0.43
N TYR B 139 5.45 -2.05 0.18
CA TYR B 139 6.37 -2.35 1.27
C TYR B 139 6.73 -1.11 2.10
N ARG B 140 6.79 0.04 1.42
CA ARG B 140 6.98 1.34 2.11
C ARG B 140 5.91 1.63 3.17
N VAL B 141 4.68 1.15 2.96
CA VAL B 141 3.62 1.32 3.97
C VAL B 141 3.43 0.10 4.87
N LEU B 142 4.43 -0.79 4.85
CA LEU B 142 4.55 -1.88 5.81
C LEU B 142 5.79 -1.76 6.70
N PRO B 143 5.99 -0.60 7.37
CA PRO B 143 7.24 -0.48 8.14
C PRO B 143 7.24 -1.34 9.41
N GLY B 144 8.44 -1.60 9.94
CA GLY B 144 8.63 -2.31 11.20
C GLY B 144 8.16 -3.76 11.19
N SER B 145 8.12 -4.36 10.00
CA SER B 145 7.78 -5.76 9.85
C SER B 145 8.85 -6.49 9.03
N ARG B 146 9.15 -7.71 9.44
CA ARG B 146 10.16 -8.57 8.85
C ARG B 146 9.51 -9.45 7.79
N VAL B 147 9.93 -9.30 6.54
CA VAL B 147 9.37 -10.11 5.44
C VAL B 147 10.07 -11.47 5.45
N ILE B 148 9.27 -12.53 5.57
CA ILE B 148 9.78 -13.91 5.66
C ILE B 148 9.82 -14.53 4.26
N LYS B 149 8.72 -14.40 3.54
CA LYS B 149 8.63 -14.93 2.18
C LYS B 149 7.78 -14.08 1.24
N ILE B 150 8.11 -14.21 -0.04
CA ILE B 150 7.47 -13.50 -1.12
C ILE B 150 7.07 -14.52 -2.18
N ARG B 151 5.85 -14.39 -2.70
CA ARG B 151 5.36 -15.24 -3.77
C ARG B 151 4.49 -14.41 -4.70
N GLY B 152 4.69 -14.58 -6.01
CA GLY B 152 3.84 -13.87 -6.96
C GLY B 152 3.93 -14.27 -8.41
N ILE B 153 3.01 -13.70 -9.18
CA ILE B 153 3.03 -13.74 -10.65
C ILE B 153 3.48 -12.35 -11.08
N LEU B 154 4.69 -12.27 -11.64
CA LEU B 154 5.37 -10.99 -11.84
C LEU B 154 5.60 -10.56 -13.30
N ASN B 155 5.23 -11.42 -14.25
CA ASN B 155 5.32 -11.03 -15.67
C ASN B 155 3.95 -10.97 -16.35
N GLY B 156 3.60 -9.77 -16.81
CA GLY B 156 2.31 -9.47 -17.41
C GLY B 156 2.10 -10.09 -18.79
N THR B 157 3.11 -9.91 -19.65
CA THR B 157 3.08 -10.42 -21.04
C THR B 157 2.73 -11.92 -21.11
N THR B 158 3.46 -12.73 -20.35
CA THR B 158 3.30 -14.19 -20.34
C THR B 158 2.02 -14.67 -19.67
N ASN B 159 1.59 -13.99 -18.61
CA ASN B 159 0.30 -14.27 -17.97
C ASN B 159 -0.86 -13.95 -18.93
N PHE B 160 -0.70 -12.89 -19.74
CA PHE B 160 -1.65 -12.52 -20.80
C PHE B 160 -1.71 -13.55 -21.93
N ILE B 161 -0.54 -14.12 -22.24
CA ILE B 161 -0.39 -15.23 -23.20
C ILE B 161 -1.15 -16.47 -22.70
N LEU B 162 -1.00 -16.78 -21.41
CA LEU B 162 -1.67 -17.92 -20.79
C LEU B 162 -3.11 -17.57 -20.43
N PHE B 171 -0.42 -19.20 -29.36
CA PHE B 171 0.73 -18.52 -28.75
C PHE B 171 1.15 -17.29 -29.54
N GLU B 172 1.30 -17.46 -30.87
CA GLU B 172 1.77 -16.38 -31.75
C GLU B 172 0.80 -15.20 -31.80
N GLU B 173 -0.50 -15.50 -31.87
CA GLU B 173 -1.57 -14.51 -31.83
C GLU B 173 -1.59 -13.75 -30.48
N ALA B 174 -1.42 -14.50 -29.40
CA ALA B 174 -1.36 -13.96 -28.03
C ALA B 174 -0.26 -12.91 -27.88
N LEU B 175 0.98 -13.30 -28.18
CA LEU B 175 2.13 -12.39 -28.19
C LEU B 175 1.89 -11.12 -29.05
N LYS B 176 1.37 -11.31 -30.26
CA LYS B 176 1.07 -10.20 -31.18
C LYS B 176 0.14 -9.14 -30.59
N GLU B 177 -0.91 -9.61 -29.91
CA GLU B 177 -1.85 -8.74 -29.16
C GLU B 177 -1.14 -8.01 -28.03
N ALA B 178 -0.25 -8.72 -27.32
CA ALA B 178 0.51 -8.18 -26.19
C ALA B 178 1.50 -7.10 -26.63
N GLN B 179 2.14 -7.32 -27.80
CA GLN B 179 3.05 -6.34 -28.38
C GLN B 179 2.30 -5.12 -28.91
N ARG B 180 1.08 -5.36 -29.42
CA ARG B 180 0.19 -4.30 -29.86
C ARG B 180 -0.21 -3.40 -28.69
N ARG B 181 -0.52 -4.04 -27.55
CA ARG B 181 -0.90 -3.35 -26.31
C ARG B 181 0.27 -2.76 -25.52
N GLY B 182 1.50 -3.00 -25.99
CA GLY B 182 2.71 -2.44 -25.40
C GLY B 182 3.19 -3.10 -24.11
N TYR B 183 2.70 -4.31 -23.85
CA TYR B 183 3.04 -5.05 -22.62
C TYR B 183 4.44 -5.64 -22.66
N ALA B 184 4.90 -5.99 -23.86
CA ALA B 184 6.13 -6.75 -24.04
C ALA B 184 7.37 -5.86 -23.94
N GLU B 185 8.48 -6.49 -23.51
CA GLU B 185 9.81 -5.90 -23.60
C GLU B 185 10.22 -5.77 -25.06
N GLU B 186 11.07 -4.79 -25.36
CA GLU B 186 11.57 -4.55 -26.73
C GLU B 186 12.13 -5.83 -27.34
N ASP B 187 12.92 -6.56 -26.54
CA ASP B 187 13.28 -7.95 -26.82
C ASP B 187 12.28 -8.86 -26.07
N PRO B 188 11.30 -9.42 -26.80
CA PRO B 188 10.21 -10.18 -26.15
C PRO B 188 10.59 -11.57 -25.61
N THR B 189 11.82 -12.02 -25.86
CA THR B 189 12.35 -13.26 -25.29
C THR B 189 12.61 -13.10 -23.78
N LEU B 190 12.89 -11.86 -23.36
CA LEU B 190 13.01 -11.50 -21.93
C LEU B 190 11.72 -11.78 -21.15
N ASP B 191 10.57 -11.63 -21.81
CA ASP B 191 9.27 -12.00 -21.22
C ASP B 191 9.06 -13.50 -21.23
N ILE B 192 9.24 -14.12 -22.41
CA ILE B 192 8.94 -15.55 -22.63
C ILE B 192 9.90 -16.49 -21.90
N ASN B 193 11.19 -16.19 -21.96
CA ASN B 193 12.25 -17.00 -21.34
C ASN B 193 12.53 -16.69 -19.87
N GLY B 194 11.63 -15.91 -19.25
CA GLY B 194 11.60 -15.73 -17.79
C GLY B 194 12.55 -14.72 -17.16
N PHE B 195 13.43 -14.12 -17.95
CA PHE B 195 14.38 -13.10 -17.48
C PHE B 195 13.68 -11.99 -16.68
N ASP B 196 12.55 -11.51 -17.21
CA ASP B 196 11.77 -10.42 -16.61
C ASP B 196 11.23 -10.78 -15.22
N ALA B 197 10.60 -11.95 -15.09
CA ALA B 197 10.11 -12.44 -13.79
C ALA B 197 11.24 -12.62 -12.77
N ALA B 198 12.35 -13.20 -13.24
CA ALA B 198 13.55 -13.42 -12.42
C ALA B 198 14.20 -12.12 -11.97
N ALA B 199 14.21 -11.11 -12.84
CA ALA B 199 14.70 -9.78 -12.52
C ALA B 199 13.87 -9.16 -11.39
N LYS B 200 12.55 -9.31 -11.49
CA LYS B 200 11.63 -8.71 -10.53
C LYS B 200 11.74 -9.34 -9.15
N ILE B 201 11.75 -10.67 -9.10
CA ILE B 201 11.93 -11.38 -7.84
C ILE B 201 13.30 -11.09 -7.21
N THR B 202 14.33 -10.89 -8.04
CA THR B 202 15.65 -10.45 -7.57
C THR B 202 15.56 -9.11 -6.83
N ILE B 203 14.90 -8.14 -7.46
CA ILE B 203 14.68 -6.82 -6.88
C ILE B 203 13.90 -6.94 -5.57
N LEU B 204 12.81 -7.71 -5.59
CA LEU B 204 11.98 -7.88 -4.38
C LEU B 204 12.73 -8.52 -3.22
N ALA B 205 13.52 -9.56 -3.50
CA ALA B 205 14.28 -10.25 -2.45
C ALA B 205 15.29 -9.31 -1.79
N ASN B 206 16.01 -8.54 -2.62
CA ASN B 206 16.97 -7.53 -2.15
C ASN B 206 16.34 -6.50 -1.23
N PHE B 207 15.25 -5.89 -1.69
CA PHE B 207 14.62 -4.79 -1.01
C PHE B 207 13.87 -5.18 0.27
N MET B 208 13.11 -6.27 0.20
CA MET B 208 12.17 -6.64 1.26
C MET B 208 12.74 -7.62 2.27
N ILE B 209 13.47 -8.63 1.78
CA ILE B 209 14.07 -9.66 2.62
C ILE B 209 15.48 -9.26 3.07
N GLY B 210 16.23 -8.60 2.18
CA GLY B 210 17.61 -8.20 2.48
C GLY B 210 18.61 -9.23 2.00
N ASN B 211 18.09 -10.27 1.34
CA ASN B 211 18.88 -11.34 0.75
C ASN B 211 19.59 -10.81 -0.51
N SER B 212 20.85 -10.42 -0.34
CA SER B 212 21.67 -9.83 -1.42
C SER B 212 21.91 -10.82 -2.58
N VAL B 213 20.94 -10.89 -3.48
CA VAL B 213 21.03 -11.74 -4.67
C VAL B 213 21.10 -10.90 -5.94
N THR B 214 21.67 -11.49 -7.00
CA THR B 214 21.58 -10.95 -8.35
C THR B 214 20.79 -11.95 -9.16
N ILE B 215 20.37 -11.54 -10.37
CA ILE B 215 19.66 -12.42 -11.31
C ILE B 215 20.39 -13.76 -11.59
N LYS B 216 21.71 -13.73 -11.45
CA LYS B 216 22.59 -14.92 -11.60
C LYS B 216 22.36 -16.04 -10.59
N ASP B 217 21.78 -15.70 -9.44
CA ASP B 217 21.53 -16.64 -8.34
C ASP B 217 20.14 -17.29 -8.40
N VAL B 218 19.30 -16.82 -9.32
CA VAL B 218 17.91 -17.27 -9.46
C VAL B 218 17.81 -18.46 -10.41
N LYS B 219 17.16 -19.53 -9.96
CA LYS B 219 16.83 -20.67 -10.81
C LYS B 219 15.48 -20.41 -11.49
N PHE B 220 15.49 -20.32 -12.82
CA PHE B 220 14.27 -19.96 -13.59
C PHE B 220 14.12 -20.63 -14.97
N GLU B 221 12.86 -20.73 -15.42
CA GLU B 221 12.51 -21.32 -16.73
C GLU B 221 11.69 -20.35 -17.60
N GLY B 222 10.50 -20.77 -18.04
CA GLY B 222 9.66 -19.97 -18.93
C GLY B 222 8.29 -20.56 -19.25
N ILE B 223 7.53 -19.83 -20.08
CA ILE B 223 6.17 -20.21 -20.47
C ILE B 223 6.18 -21.26 -21.58
N ILE B 233 -2.23 -23.69 -14.00
CA ILE B 233 -0.78 -23.46 -13.97
C ILE B 233 -0.43 -21.98 -14.12
N LYS B 234 0.54 -21.53 -13.31
CA LYS B 234 1.00 -20.14 -13.31
C LYS B 234 2.52 -20.06 -13.16
N LEU B 235 3.14 -19.10 -13.85
CA LEU B 235 4.57 -18.82 -13.70
C LEU B 235 4.82 -18.13 -12.36
N ILE B 236 5.28 -18.90 -11.37
CA ILE B 236 5.35 -18.47 -9.98
C ILE B 236 6.77 -18.05 -9.61
N ALA B 237 6.92 -16.79 -9.18
CA ALA B 237 8.18 -16.31 -8.62
C ALA B 237 8.13 -16.39 -7.10
N TYR B 238 9.24 -16.81 -6.49
CA TYR B 238 9.33 -17.05 -5.06
C TYR B 238 10.68 -16.63 -4.48
N ALA B 239 10.64 -16.06 -3.28
CA ALA B 239 11.82 -15.67 -2.54
C ALA B 239 11.60 -15.82 -1.05
N ASP B 240 12.61 -16.35 -0.37
CA ASP B 240 12.67 -16.30 1.08
C ASP B 240 14.09 -15.99 1.50
N GLU B 241 14.43 -16.29 2.75
CA GLU B 241 15.75 -15.96 3.30
C GLU B 241 16.85 -16.89 2.77
N LYS B 242 16.45 -18.03 2.21
CA LYS B 242 17.41 -19.05 1.75
C LYS B 242 17.55 -19.11 0.22
N GLU B 243 16.44 -18.97 -0.51
CA GLU B 243 16.40 -19.20 -1.96
C GLU B 243 15.52 -18.22 -2.75
N VAL B 244 15.82 -18.09 -4.04
CA VAL B 244 15.06 -17.29 -4.99
C VAL B 244 14.87 -18.12 -6.28
N TRP B 245 13.63 -18.29 -6.73
CA TRP B 245 13.32 -19.06 -7.95
C TRP B 245 12.07 -18.64 -8.71
N VAL B 246 11.99 -19.01 -10.00
CA VAL B 246 10.82 -18.81 -10.84
C VAL B 246 10.49 -20.12 -11.59
N LYS B 247 9.29 -20.68 -11.36
CA LYS B 247 8.83 -21.92 -11.99
C LYS B 247 7.31 -21.98 -12.17
N PRO B 248 6.82 -22.68 -13.22
CA PRO B 248 5.38 -23.01 -13.33
C PRO B 248 4.89 -24.00 -12.27
N LEU B 249 3.70 -23.72 -11.70
CA LEU B 249 3.11 -24.54 -10.64
C LEU B 249 1.58 -24.60 -10.72
N PRO B 250 0.97 -25.77 -10.39
CA PRO B 250 -0.49 -25.85 -10.21
C PRO B 250 -0.97 -25.07 -8.98
N ILE B 251 -2.14 -24.45 -9.09
CA ILE B 251 -2.63 -23.51 -8.07
C ILE B 251 -3.98 -23.97 -7.47
N SER B 252 -4.03 -24.04 -6.15
CA SER B 252 -5.26 -24.35 -5.40
C SER B 252 -6.35 -23.28 -5.57
N GLN B 253 -7.62 -23.70 -5.47
CA GLN B 253 -8.78 -22.80 -5.54
C GLN B 253 -8.83 -21.80 -4.38
N ASP B 254 -8.38 -22.24 -3.20
CA ASP B 254 -8.29 -21.39 -2.00
C ASP B 254 -7.03 -20.49 -2.01
N ASP B 255 -6.01 -20.88 -2.79
CA ASP B 255 -4.79 -20.08 -2.98
C ASP B 255 -5.14 -18.74 -3.66
N PRO B 256 -4.76 -17.60 -3.05
CA PRO B 256 -5.16 -16.27 -3.54
C PRO B 256 -4.68 -15.89 -4.95
N LEU B 257 -3.73 -16.66 -5.50
CA LEU B 257 -3.23 -16.45 -6.86
C LEU B 257 -4.10 -17.10 -7.96
N TYR B 258 -5.12 -17.84 -7.52
CA TYR B 258 -5.95 -18.69 -8.40
C TYR B 258 -6.42 -18.00 -9.68
N ASN B 259 -7.19 -16.92 -9.53
CA ASN B 259 -7.74 -16.19 -10.68
C ASN B 259 -7.07 -14.83 -10.98
N VAL B 260 -5.76 -14.75 -10.74
CA VAL B 260 -4.91 -13.68 -11.27
C VAL B 260 -4.53 -14.11 -12.70
N ASP B 261 -5.36 -13.69 -13.66
CA ASP B 261 -5.26 -14.10 -15.06
C ASP B 261 -5.15 -12.87 -15.97
N GLY B 262 -4.82 -13.09 -17.25
CA GLY B 262 -4.64 -11.99 -18.19
C GLY B 262 -3.33 -11.27 -17.93
N VAL B 263 -3.32 -9.95 -18.14
CA VAL B 263 -2.15 -9.09 -17.87
C VAL B 263 -1.87 -8.95 -16.37
N GLU B 264 -2.85 -9.37 -15.56
CA GLU B 264 -2.80 -9.22 -14.10
C GLU B 264 -1.57 -9.83 -13.47
N ASN B 265 -1.06 -9.12 -12.47
CA ASN B 265 0.05 -9.56 -11.65
C ASN B 265 -0.37 -9.50 -10.19
N ALA B 266 0.33 -10.24 -9.35
CA ALA B 266 0.07 -10.23 -7.91
C ALA B 266 1.32 -10.48 -7.11
N LEU B 267 1.37 -9.86 -5.92
CA LEU B 267 2.48 -10.00 -4.99
C LEU B 267 1.91 -10.35 -3.62
N GLU B 268 2.33 -11.50 -3.11
CA GLU B 268 1.95 -11.96 -1.77
C GLU B 268 3.14 -11.78 -0.85
N ILE B 269 2.96 -10.94 0.17
CA ILE B 269 4.02 -10.62 1.10
C ILE B 269 3.66 -11.26 2.42
N THR B 270 4.54 -12.14 2.91
CA THR B 270 4.36 -12.77 4.22
C THR B 270 5.35 -12.22 5.22
N THR B 271 4.82 -11.72 6.34
CA THR B 271 5.63 -11.18 7.42
C THR B 271 5.45 -11.98 8.71
N ASP B 272 6.18 -11.55 9.74
CA ASP B 272 5.96 -11.98 11.12
C ASP B 272 4.50 -11.83 11.61
N ILE B 273 3.81 -10.81 11.11
CA ILE B 273 2.43 -10.45 11.50
C ILE B 273 1.36 -11.19 10.67
N GLN B 274 1.53 -11.22 9.35
CA GLN B 274 0.43 -11.54 8.43
C GLN B 274 0.93 -11.80 7.01
N SER B 275 0.04 -12.38 6.20
CA SER B 275 0.17 -12.44 4.74
C SER B 275 -0.85 -11.50 4.08
N ILE B 276 -0.37 -10.71 3.13
CA ILE B 276 -1.23 -9.83 2.35
C ILE B 276 -0.92 -10.09 0.87
N LEU B 277 -1.86 -9.77 0.01
CA LEU B 277 -1.65 -9.89 -1.43
C LEU B 277 -2.18 -8.66 -2.12
N ILE B 278 -1.38 -8.12 -3.04
CA ILE B 278 -1.86 -7.08 -3.92
C ILE B 278 -1.90 -7.61 -5.34
N ARG B 279 -2.98 -7.29 -6.05
CA ARG B 279 -3.10 -7.64 -7.46
C ARG B 279 -3.46 -6.41 -8.30
N GLY B 280 -2.90 -6.36 -9.50
CA GLY B 280 -3.17 -5.25 -10.40
C GLY B 280 -2.61 -5.51 -11.77
N PRO B 281 -2.81 -4.57 -12.72
CA PRO B 281 -2.22 -4.69 -14.08
C PRO B 281 -0.71 -4.79 -13.98
N GLY B 282 -0.16 -5.84 -14.57
CA GLY B 282 1.26 -6.13 -14.47
C GLY B 282 2.12 -5.31 -15.41
N ALA B 283 1.54 -4.97 -16.56
CA ALA B 283 2.24 -4.26 -17.62
C ALA B 283 1.30 -3.24 -18.27
N GLY B 284 1.89 -2.40 -19.13
CA GLY B 284 1.16 -1.31 -19.76
C GLY B 284 1.96 -0.04 -19.55
N PRO B 285 2.34 0.62 -20.66
CA PRO B 285 3.19 1.82 -20.62
C PRO B 285 2.67 2.93 -19.69
N VAL B 286 1.37 3.20 -19.73
CA VAL B 286 0.75 4.23 -18.87
C VAL B 286 0.89 3.82 -17.39
N ASN B 287 0.64 2.53 -17.13
CA ASN B 287 0.74 1.97 -15.77
C ASN B 287 2.16 2.07 -15.20
N ALA B 288 3.15 1.71 -16.02
CA ALA B 288 4.57 1.83 -15.71
C ALA B 288 4.98 3.27 -15.44
N ALA B 289 4.49 4.18 -16.28
CA ALA B 289 4.76 5.61 -16.16
C ALA B 289 4.13 6.18 -14.88
N TYR B 290 2.93 5.69 -14.54
CA TYR B 290 2.29 6.08 -13.29
C TYR B 290 3.06 5.61 -12.05
N GLY B 291 3.68 4.42 -12.13
CA GLY B 291 4.63 3.96 -11.13
C GLY B 291 5.77 4.96 -10.89
N ALA B 292 6.39 5.42 -11.98
CA ALA B 292 7.46 6.42 -11.91
C ALA B 292 6.97 7.76 -11.39
N LEU B 293 5.75 8.14 -11.80
CA LEU B 293 5.11 9.38 -11.33
C LEU B 293 4.79 9.32 -9.84
N SER B 294 4.30 8.16 -9.37
CA SER B 294 4.04 7.93 -7.95
C SER B 294 5.32 8.11 -7.12
N ASP B 295 6.42 7.55 -7.62
CA ASP B 295 7.75 7.72 -7.01
C ASP B 295 8.19 9.17 -6.96
N LEU B 296 7.90 9.91 -8.03
CA LEU B 296 8.24 11.34 -8.11
C LEU B 296 7.48 12.16 -7.06
N ILE B 297 6.17 11.91 -6.94
CA ILE B 297 5.35 12.58 -5.92
C ILE B 297 5.86 12.24 -4.52
N LEU B 298 6.10 10.94 -4.26
CA LEU B 298 6.69 10.50 -2.99
C LEU B 298 8.06 11.13 -2.70
N LEU B 299 8.91 11.24 -3.72
CA LEU B 299 10.20 11.94 -3.59
C LEU B 299 10.01 13.38 -3.14
N LYS B 300 9.07 14.08 -3.80
CA LYS B 300 8.75 15.46 -3.49
C LYS B 300 8.25 15.65 -2.04
N ARG B 301 7.44 14.70 -1.58
CA ARG B 301 6.96 14.64 -0.18
C ARG B 301 8.03 14.20 0.84
N ASP B 302 9.22 13.88 0.32
CA ASP B 302 10.34 13.30 1.08
C ASP B 302 9.97 11.98 1.76
N CYS B 303 9.27 11.13 1.00
CA CYS B 303 8.75 9.86 1.51
C CYS B 303 9.23 8.63 0.72
N LEU B 304 10.41 8.74 0.10
CA LEU B 304 11.12 7.58 -0.48
C LEU B 304 12.29 7.12 0.40
#